data_5TN3
#
_entry.id   5TN3
#
_cell.length_a   55.620
_cell.length_b   82.910
_cell.length_c   58.590
_cell.angle_alpha   90.00
_cell.angle_beta   110.70
_cell.angle_gamma   90.00
#
_symmetry.space_group_name_H-M   'P 1 21 1'
#
loop_
_entity.id
_entity.type
_entity.pdbx_description
1 polymer 'Estrogen receptor'
2 polymer 'Nuclear receptor coactivator 2'
3 non-polymer (9beta,13alpha,17beta)-17-{[4-(propan-2-yl)phenyl]amino}estra-1(10),2,4-trien-3-ol
4 water water
#
loop_
_entity_poly.entity_id
_entity_poly.type
_entity_poly.pdbx_seq_one_letter_code
_entity_poly.pdbx_strand_id
1 'polypeptide(L)'
;IKRSKKNSLALSLTADQMVSALLDAEPPILYSEYDPTRPFSEASMMGLLTNLADRELVHMINWAKRVPGFVDLTLHDQVH
LLECAWLEILMIGLVWRSMEHPGKLLFAPNLLLDRNQGKCVEGMVEIFDMLLATSSRFRMMNLQGEEFVCLKSIILLNSG
VYTFLSSTLKSLEEKDHIHRVLDKITDTLIHLMAKAGLTLQQQHQRLAQLLLILSHIRHMSNKGMEHLYSMKCKNVVPLS
DLLLEMLDAHRLHAPTS
;
A,B
2 'polypeptide(L)' KHKILHRLLQDSS C,D
#
loop_
_chem_comp.id
_chem_comp.type
_chem_comp.name
_chem_comp.formula
7FS non-polymer (9beta,13alpha,17beta)-17-{[4-(propan-2-yl)phenyl]amino}estra-1(10),2,4-trien-3-ol 'C27 H35 N O'
#
# COMPACT_ATOMS: atom_id res chain seq x y z
N LYS A 6 2.59 30.84 9.69
CA LYS A 6 2.85 29.41 9.63
C LYS A 6 3.07 28.96 8.18
N ASN A 7 3.46 29.90 7.32
CA ASN A 7 3.69 29.60 5.92
C ASN A 7 5.06 28.96 5.72
N SER A 8 5.13 28.09 4.72
CA SER A 8 6.33 27.33 4.40
C SER A 8 6.89 27.78 3.05
N LEU A 9 8.18 27.52 2.86
CA LEU A 9 8.87 27.85 1.61
C LEU A 9 8.83 26.71 0.60
N ALA A 10 8.27 25.57 0.97
CA ALA A 10 8.21 24.43 0.05
C ALA A 10 7.19 24.66 -1.06
N LEU A 11 6.07 25.32 -0.75
CA LEU A 11 5.05 25.56 -1.75
C LEU A 11 5.47 26.58 -2.79
N SER A 12 6.44 27.44 -2.47
CA SER A 12 6.86 28.47 -3.42
C SER A 12 7.91 27.97 -4.40
N LEU A 13 8.53 26.82 -4.14
CA LEU A 13 9.55 26.30 -5.03
C LEU A 13 8.94 25.89 -6.36
N THR A 14 9.67 26.11 -7.45
CA THR A 14 9.20 25.65 -8.74
C THR A 14 9.45 24.15 -8.87
N ALA A 15 9.01 23.58 -10.00
CA ALA A 15 9.21 22.16 -10.22
C ALA A 15 10.69 21.81 -10.34
N ASP A 16 11.46 22.67 -11.02
CA ASP A 16 12.90 22.44 -11.13
C ASP A 16 13.59 22.62 -9.77
N GLN A 17 13.18 23.65 -9.01
CA GLN A 17 13.75 23.83 -7.69
C GLN A 17 13.38 22.69 -6.75
N MET A 18 12.25 22.03 -7.00
CA MET A 18 11.88 20.87 -6.18
C MET A 18 12.74 19.66 -6.52
N VAL A 19 13.04 19.47 -7.81
CA VAL A 19 13.87 18.35 -8.22
C VAL A 19 15.29 18.50 -7.67
N SER A 20 15.83 19.72 -7.74
CA SER A 20 17.19 19.94 -7.28
C SER A 20 17.31 19.78 -5.78
N ALA A 21 16.32 20.25 -5.03
CA ALA A 21 16.36 20.14 -3.58
C ALA A 21 16.33 18.68 -3.14
N LEU A 22 15.59 17.84 -3.85
CA LEU A 22 15.50 16.43 -3.48
C LEU A 22 16.76 15.68 -3.89
N LEU A 23 17.34 16.02 -5.04
CA LEU A 23 18.57 15.35 -5.48
C LEU A 23 19.73 15.66 -4.55
N ASP A 24 19.91 16.93 -4.17
CA ASP A 24 21.00 17.29 -3.27
C ASP A 24 20.80 16.73 -1.87
N ALA A 25 19.58 16.29 -1.54
CA ALA A 25 19.30 15.70 -0.24
C ALA A 25 19.48 14.19 -0.21
N GLU A 26 19.88 13.59 -1.32
CA GLU A 26 19.97 12.13 -1.41
C GLU A 26 20.98 11.60 -0.40
N PRO A 27 20.66 10.55 0.35
CA PRO A 27 21.61 9.97 1.30
C PRO A 27 22.74 9.28 0.57
N PRO A 28 23.87 9.09 1.24
CA PRO A 28 24.98 8.35 0.63
C PRO A 28 24.71 6.86 0.56
N ILE A 29 25.49 6.18 -0.29
CA ILE A 29 25.47 4.73 -0.37
C ILE A 29 26.51 4.18 0.59
N LEU A 30 26.05 3.41 1.58
CA LEU A 30 26.91 2.87 2.63
C LEU A 30 27.39 1.47 2.26
N TYR A 31 28.41 1.02 2.98
CA TYR A 31 29.01 -0.30 2.80
C TYR A 31 28.70 -1.18 4.00
N SER A 32 28.97 -2.47 3.83
CA SER A 32 28.86 -3.45 4.91
C SER A 32 30.25 -3.96 5.29
N GLU A 33 30.29 -4.87 6.25
CA GLU A 33 31.56 -5.45 6.68
C GLU A 33 32.20 -6.22 5.53
N TYR A 34 33.53 -6.17 5.49
CA TYR A 34 34.31 -6.65 4.35
C TYR A 34 34.90 -8.04 4.59
N ASP A 35 34.32 -8.83 5.47
CA ASP A 35 34.85 -10.17 5.72
C ASP A 35 34.59 -11.05 4.51
N PRO A 36 35.63 -11.66 3.92
CA PRO A 36 35.43 -12.41 2.67
C PRO A 36 34.75 -13.76 2.83
N THR A 37 34.28 -14.12 4.02
CA THR A 37 33.56 -15.37 4.20
C THR A 37 32.27 -15.35 3.41
N ARG A 38 32.34 -15.72 2.13
CA ARG A 38 31.16 -15.67 1.26
C ARG A 38 30.02 -16.58 1.72
N PRO A 39 30.26 -17.83 2.16
CA PRO A 39 29.15 -18.61 2.72
C PRO A 39 28.57 -17.98 3.99
N PHE A 40 27.34 -17.51 3.90
CA PHE A 40 26.68 -16.83 5.01
C PHE A 40 25.92 -17.83 5.87
N SER A 41 25.95 -17.60 7.18
CA SER A 41 25.05 -18.27 8.09
C SER A 41 23.80 -17.43 8.29
N GLU A 42 22.81 -17.99 8.99
CA GLU A 42 21.56 -17.26 9.22
C GLU A 42 21.82 -16.02 10.06
N ALA A 43 22.70 -16.11 11.05
CA ALA A 43 22.98 -14.96 11.90
C ALA A 43 23.98 -14.00 11.25
N SER A 44 24.85 -14.52 10.38
CA SER A 44 25.83 -13.64 9.74
C SER A 44 25.16 -12.68 8.76
N MET A 45 24.23 -13.18 7.95
CA MET A 45 23.58 -12.33 6.96
C MET A 45 22.67 -11.30 7.63
N MET A 46 21.87 -11.74 8.59
CA MET A 46 20.99 -10.80 9.29
C MET A 46 21.79 -9.80 10.12
N GLY A 47 22.92 -10.22 10.67
CA GLY A 47 23.77 -9.28 11.37
C GLY A 47 24.30 -8.17 10.47
N LEU A 48 24.71 -8.53 9.26
CA LEU A 48 25.21 -7.53 8.33
C LEU A 48 24.11 -6.62 7.83
N LEU A 49 22.90 -7.16 7.65
CA LEU A 49 21.79 -6.36 7.13
C LEU A 49 21.24 -5.41 8.19
N THR A 50 21.06 -5.89 9.42
CA THR A 50 20.54 -5.01 10.47
C THR A 50 21.57 -3.98 10.89
N ASN A 51 22.86 -4.31 10.78
CA ASN A 51 23.89 -3.30 11.04
C ASN A 51 23.85 -2.21 9.98
N LEU A 52 23.66 -2.59 8.71
CA LEU A 52 23.57 -1.60 7.64
C LEU A 52 22.30 -0.77 7.77
N ALA A 53 21.18 -1.41 8.12
CA ALA A 53 19.92 -0.69 8.26
C ALA A 53 19.99 0.36 9.36
N ASP A 54 20.70 0.05 10.45
CA ASP A 54 20.83 1.03 11.53
C ASP A 54 21.68 2.22 11.10
N ARG A 55 22.72 1.98 10.31
CA ARG A 55 23.57 3.08 9.85
C ARG A 55 22.90 3.89 8.76
N GLU A 56 22.19 3.22 7.84
CA GLU A 56 21.46 3.94 6.81
C GLU A 56 20.30 4.74 7.38
N LEU A 57 19.75 4.30 8.52
CA LEU A 57 18.65 5.01 9.14
C LEU A 57 19.08 6.37 9.66
N VAL A 58 20.31 6.49 10.13
CA VAL A 58 20.82 7.76 10.61
C VAL A 58 20.86 8.79 9.47
N HIS A 59 21.27 8.36 8.28
CA HIS A 59 21.32 9.30 7.15
C HIS A 59 19.93 9.61 6.64
N MET A 60 18.98 8.67 6.78
CA MET A 60 17.60 8.94 6.36
C MET A 60 17.00 10.11 7.15
N ILE A 61 17.30 10.18 8.45
CA ILE A 61 16.77 11.26 9.27
C ILE A 61 17.31 12.61 8.80
N ASN A 62 18.59 12.64 8.40
CA ASN A 62 19.12 13.87 7.81
C ASN A 62 18.50 14.14 6.44
N TRP A 63 18.17 13.09 5.69
CA TRP A 63 17.49 13.30 4.41
C TRP A 63 16.08 13.82 4.61
N ALA A 64 15.38 13.30 5.61
CA ALA A 64 14.01 13.74 5.89
C ALA A 64 13.98 15.23 6.20
N LYS A 65 14.89 15.71 7.06
CA LYS A 65 14.91 17.13 7.40
C LYS A 65 15.20 18.00 6.18
N ARG A 66 15.89 17.44 5.19
CA ARG A 66 16.20 18.18 3.97
C ARG A 66 15.14 18.02 2.89
N VAL A 67 14.03 17.37 3.19
CA VAL A 67 12.91 17.29 2.24
C VAL A 67 12.08 18.58 2.35
N PRO A 68 11.85 19.28 1.24
CA PRO A 68 11.09 20.54 1.32
C PRO A 68 9.70 20.32 1.90
N GLY A 69 9.43 21.00 3.02
CA GLY A 69 8.17 20.91 3.73
C GLY A 69 8.23 20.09 5.00
N PHE A 70 9.16 19.12 5.07
CA PHE A 70 9.25 18.25 6.24
C PHE A 70 9.72 19.01 7.48
N VAL A 71 10.57 20.03 7.30
CA VAL A 71 11.05 20.81 8.43
C VAL A 71 9.93 21.66 9.03
N ASP A 72 8.87 21.94 8.28
CA ASP A 72 7.78 22.78 8.77
C ASP A 72 6.83 22.03 9.70
N LEU A 73 6.87 20.71 9.72
CA LEU A 73 6.03 19.96 10.63
C LEU A 73 6.57 20.05 12.05
N THR A 74 5.70 19.76 13.01
CA THR A 74 6.13 19.72 14.40
C THR A 74 7.03 18.52 14.64
N LEU A 75 7.74 18.55 15.78
CA LEU A 75 8.64 17.45 16.12
C LEU A 75 7.88 16.13 16.21
N HIS A 76 6.66 16.16 16.75
CA HIS A 76 5.90 14.94 16.90
C HIS A 76 5.35 14.45 15.55
N ASP A 77 4.99 15.37 14.66
CA ASP A 77 4.53 14.96 13.33
C ASP A 77 5.67 14.38 12.51
N GLN A 78 6.87 14.96 12.62
CA GLN A 78 8.03 14.41 11.94
C GLN A 78 8.35 13.01 12.46
N VAL A 79 8.20 12.80 13.77
CA VAL A 79 8.47 11.49 14.35
C VAL A 79 7.48 10.46 13.83
N HIS A 80 6.20 10.84 13.74
CA HIS A 80 5.18 9.90 13.27
C HIS A 80 5.44 9.49 11.82
N LEU A 81 5.78 10.44 10.96
CA LEU A 81 6.00 10.10 9.55
C LEU A 81 7.17 9.14 9.37
N LEU A 82 8.27 9.39 10.08
CA LEU A 82 9.43 8.51 9.97
C LEU A 82 9.15 7.13 10.57
N GLU A 83 8.41 7.09 11.68
CA GLU A 83 8.17 5.83 12.39
C GLU A 83 7.38 4.82 11.57
N CYS A 84 6.51 5.28 10.67
CA CYS A 84 5.74 4.33 9.87
CA CYS A 84 5.68 4.40 9.87
C CYS A 84 6.24 4.19 8.45
N ALA A 85 7.10 5.10 8.00
CA ALA A 85 7.61 5.05 6.63
C ALA A 85 9.08 4.60 6.51
N TRP A 86 9.78 4.43 7.64
CA TRP A 86 11.22 4.20 7.58
C TRP A 86 11.56 2.92 6.83
N LEU A 87 10.79 1.85 7.03
CA LEU A 87 11.11 0.61 6.32
C LEU A 87 10.77 0.70 4.84
N GLU A 88 9.68 1.39 4.49
CA GLU A 88 9.38 1.63 3.09
C GLU A 88 10.50 2.40 2.40
N ILE A 89 11.01 3.44 3.07
CA ILE A 89 12.06 4.26 2.47
C ILE A 89 13.33 3.44 2.30
N LEU A 90 13.66 2.59 3.27
CA LEU A 90 14.81 1.72 3.12
C LEU A 90 14.61 0.73 1.97
N MET A 91 13.37 0.26 1.80
CA MET A 91 13.11 -0.74 0.77
C MET A 91 13.14 -0.13 -0.63
N ILE A 92 12.46 1.01 -0.82
CA ILE A 92 12.48 1.64 -2.14
C ILE A 92 13.88 2.12 -2.49
N GLY A 93 14.69 2.46 -1.49
CA GLY A 93 16.08 2.75 -1.75
C GLY A 93 16.87 1.53 -2.18
N LEU A 94 16.61 0.39 -1.53
CA LEU A 94 17.25 -0.85 -1.95
C LEU A 94 16.82 -1.25 -3.35
N VAL A 95 15.52 -1.17 -3.63
CA VAL A 95 15.00 -1.54 -4.95
C VAL A 95 15.60 -0.65 -6.02
N TRP A 96 15.84 0.62 -5.72
CA TRP A 96 16.38 1.55 -6.72
C TRP A 96 17.82 1.22 -7.05
N ARG A 97 18.65 0.93 -6.04
CA ARG A 97 20.04 0.55 -6.30
C ARG A 97 20.15 -0.79 -7.01
N SER A 98 19.13 -1.63 -6.95
CA SER A 98 19.19 -2.96 -7.55
C SER A 98 18.67 -2.99 -8.98
N MET A 99 18.35 -1.83 -9.57
CA MET A 99 17.77 -1.80 -10.91
C MET A 99 18.73 -2.39 -11.94
N GLU A 100 19.98 -1.92 -11.95
CA GLU A 100 20.96 -2.37 -12.92
C GLU A 100 21.58 -3.72 -12.55
N HIS A 101 20.98 -4.45 -11.62
CA HIS A 101 21.45 -5.78 -11.22
C HIS A 101 20.25 -6.72 -11.23
N PRO A 102 19.86 -7.21 -12.42
CA PRO A 102 18.70 -8.10 -12.49
C PRO A 102 18.92 -9.38 -11.70
N GLY A 103 17.87 -9.81 -10.99
CA GLY A 103 17.95 -11.00 -10.19
C GLY A 103 18.79 -10.89 -8.95
N LYS A 104 19.29 -9.70 -8.62
CA LYS A 104 20.13 -9.51 -7.46
C LYS A 104 19.71 -8.23 -6.73
N LEU A 105 19.85 -8.24 -5.42
CA LEU A 105 19.57 -7.06 -4.58
C LEU A 105 20.89 -6.46 -4.14
N LEU A 106 21.08 -5.17 -4.43
CA LEU A 106 22.29 -4.45 -4.06
C LEU A 106 22.08 -3.80 -2.68
N PHE A 107 22.32 -4.59 -1.64
CA PHE A 107 22.28 -4.04 -0.29
C PHE A 107 23.41 -3.05 -0.06
N ALA A 108 24.57 -3.34 -0.64
CA ALA A 108 25.74 -2.47 -0.58
C ALA A 108 26.60 -2.77 -1.79
N PRO A 109 27.47 -1.84 -2.20
CA PRO A 109 28.36 -2.14 -3.33
C PRO A 109 29.20 -3.39 -3.12
N ASN A 110 29.53 -3.72 -1.87
CA ASN A 110 30.28 -4.92 -1.54
C ASN A 110 29.38 -6.02 -0.97
N LEU A 111 28.06 -5.91 -1.15
CA LEU A 111 27.09 -6.87 -0.63
C LEU A 111 25.95 -7.00 -1.64
N LEU A 112 26.23 -7.71 -2.73
CA LEU A 112 25.24 -8.01 -3.76
C LEU A 112 24.78 -9.45 -3.60
N LEU A 113 23.48 -9.65 -3.44
CA LEU A 113 22.92 -10.96 -3.12
C LEU A 113 21.84 -11.35 -4.13
N ASP A 114 21.84 -12.62 -4.51
CA ASP A 114 20.77 -13.19 -5.31
C ASP A 114 19.78 -13.92 -4.41
N ARG A 115 18.70 -14.42 -5.00
CA ARG A 115 17.63 -15.01 -4.19
C ARG A 115 18.02 -16.33 -3.57
N ASN A 116 19.00 -17.04 -4.13
CA ASN A 116 19.44 -18.29 -3.53
C ASN A 116 20.12 -18.07 -2.19
N GLN A 117 20.76 -16.91 -2.01
CA GLN A 117 21.39 -16.59 -0.74
C GLN A 117 20.40 -16.15 0.33
N GLY A 118 19.17 -15.80 -0.07
CA GLY A 118 18.14 -15.48 0.89
C GLY A 118 17.54 -16.67 1.60
N LYS A 119 17.89 -17.88 1.19
CA LYS A 119 17.36 -19.10 1.80
C LYS A 119 18.01 -19.38 3.16
N CYS A 120 19.15 -18.74 3.40
CA CYS A 120 19.87 -18.90 4.66
C CYS A 120 19.06 -18.42 5.86
N VAL A 121 18.11 -17.51 5.61
CA VAL A 121 17.21 -17.05 6.66
C VAL A 121 15.78 -17.39 6.27
N GLU A 122 15.12 -18.19 7.10
CA GLU A 122 13.74 -18.59 6.83
C GLU A 122 12.82 -17.38 6.90
N GLY A 123 11.88 -17.30 5.95
CA GLY A 123 10.98 -16.17 5.85
C GLY A 123 11.53 -14.98 5.10
N MET A 124 12.81 -15.01 4.74
CA MET A 124 13.46 -13.92 4.02
C MET A 124 13.31 -14.06 2.52
N VAL A 125 13.18 -15.30 2.02
CA VAL A 125 13.05 -15.52 0.58
C VAL A 125 11.74 -14.97 0.05
N GLU A 126 10.71 -14.89 0.91
CA GLU A 126 9.44 -14.31 0.48
C GLU A 126 9.59 -12.82 0.19
N ILE A 127 10.15 -12.08 1.15
CA ILE A 127 10.38 -10.64 0.98
C ILE A 127 11.43 -10.39 -0.11
N PHE A 128 12.42 -11.28 -0.20
CA PHE A 128 13.42 -11.19 -1.26
C PHE A 128 12.76 -11.14 -2.63
N ASP A 129 11.85 -12.07 -2.92
CA ASP A 129 11.20 -12.10 -4.23
C ASP A 129 10.38 -10.84 -4.49
N MET A 130 9.71 -10.31 -3.47
CA MET A 130 8.93 -9.10 -3.67
C MET A 130 9.82 -7.91 -3.99
N LEU A 131 10.99 -7.84 -3.34
CA LEU A 131 11.94 -6.78 -3.65
C LEU A 131 12.51 -6.92 -5.05
N LEU A 132 12.87 -8.14 -5.45
CA LEU A 132 13.34 -8.36 -6.82
C LEU A 132 12.27 -8.02 -7.84
N ALA A 133 11.01 -8.33 -7.52
CA ALA A 133 9.92 -8.01 -8.43
C ALA A 133 9.73 -6.50 -8.60
N THR A 134 9.99 -5.73 -7.55
CA THR A 134 9.85 -4.28 -7.65
C THR A 134 10.97 -3.69 -8.50
N SER A 135 12.19 -4.23 -8.39
CA SER A 135 13.28 -3.77 -9.25
C SER A 135 12.97 -4.04 -10.71
N SER A 136 12.44 -5.22 -11.03
CA SER A 136 12.10 -5.52 -12.41
C SER A 136 11.07 -4.54 -12.94
N ARG A 137 10.08 -4.17 -12.13
CA ARG A 137 9.08 -3.20 -12.55
C ARG A 137 9.71 -1.83 -12.77
N PHE A 138 10.52 -1.39 -11.80
CA PHE A 138 11.24 -0.12 -11.97
C PHE A 138 12.18 -0.17 -13.16
N ARG A 139 12.76 -1.34 -13.44
CA ARG A 139 13.65 -1.47 -14.59
C ARG A 139 12.88 -1.42 -15.90
N MET A 140 11.78 -2.18 -15.98
CA MET A 140 10.98 -2.18 -17.20
C MET A 140 10.21 -0.88 -17.40
N MET A 141 9.96 -0.13 -16.33
CA MET A 141 9.34 1.19 -16.48
C MET A 141 10.34 2.28 -16.82
N ASN A 142 11.63 1.95 -16.82
CA ASN A 142 12.70 2.92 -17.08
C ASN A 142 12.65 4.08 -16.09
N LEU A 143 12.56 3.73 -14.81
CA LEU A 143 12.42 4.73 -13.76
C LEU A 143 13.65 5.63 -13.70
N GLN A 144 13.43 6.93 -13.75
CA GLN A 144 14.50 7.91 -13.69
C GLN A 144 14.79 8.30 -12.25
N GLY A 145 15.99 8.83 -12.03
CA GLY A 145 16.39 9.24 -10.69
C GLY A 145 15.57 10.39 -10.14
N GLU A 146 15.14 11.31 -11.02
CA GLU A 146 14.29 12.41 -10.57
C GLU A 146 12.90 11.93 -10.19
N GLU A 147 12.41 10.86 -10.82
CA GLU A 147 11.14 10.26 -10.41
C GLU A 147 11.30 9.48 -9.11
N PHE A 148 12.46 8.85 -8.91
CA PHE A 148 12.69 8.06 -7.71
C PHE A 148 12.69 8.93 -6.46
N VAL A 149 13.39 10.08 -6.51
CA VAL A 149 13.44 10.94 -5.33
C VAL A 149 12.07 11.51 -5.01
N CYS A 150 11.20 11.64 -6.02
CA CYS A 150 9.84 12.10 -5.76
C CYS A 150 9.01 11.00 -5.10
N LEU A 151 9.16 9.75 -5.56
CA LEU A 151 8.41 8.66 -4.96
C LEU A 151 8.82 8.42 -3.52
N LYS A 152 10.09 8.66 -3.19
CA LYS A 152 10.56 8.43 -1.83
C LYS A 152 10.04 9.51 -0.87
N SER A 153 10.01 10.76 -1.32
CA SER A 153 9.45 11.82 -0.49
C SER A 153 7.95 11.65 -0.31
N ILE A 154 7.25 11.17 -1.34
CA ILE A 154 5.82 10.92 -1.22
C ILE A 154 5.53 9.87 -0.17
N ILE A 155 6.35 8.80 -0.13
CA ILE A 155 6.21 7.79 0.92
C ILE A 155 6.37 8.42 2.30
N LEU A 156 7.38 9.27 2.47
CA LEU A 156 7.63 9.88 3.77
C LEU A 156 6.42 10.66 4.26
N LEU A 157 5.82 11.46 3.37
CA LEU A 157 4.74 12.35 3.77
C LEU A 157 3.38 11.65 3.82
N ASN A 158 3.19 10.60 3.01
CA ASN A 158 1.88 9.99 2.87
C ASN A 158 1.66 8.77 3.76
N SER A 159 2.71 8.00 4.08
CA SER A 159 2.52 6.71 4.74
C SER A 159 1.85 6.85 6.10
N GLY A 160 2.10 7.94 6.83
CA GLY A 160 1.50 8.11 8.13
C GLY A 160 0.55 9.28 8.25
N VAL A 161 0.07 9.79 7.11
CA VAL A 161 -0.74 11.01 7.13
C VAL A 161 -2.18 10.74 7.57
N TYR A 162 -2.68 9.52 7.42
CA TYR A 162 -4.03 9.18 7.85
C TYR A 162 -4.07 8.51 9.21
N THR A 163 -2.96 8.53 9.96
CA THR A 163 -2.91 7.99 11.31
C THR A 163 -2.63 9.09 12.34
N PHE A 164 -2.74 10.35 11.96
CA PHE A 164 -2.56 11.47 12.88
C PHE A 164 -3.74 11.59 13.83
N GLU A 173 -4.75 21.56 10.68
CA GLU A 173 -4.28 22.12 9.41
C GLU A 173 -2.88 21.62 9.08
N GLU A 174 -2.24 20.96 10.04
CA GLU A 174 -0.95 20.34 9.78
C GLU A 174 -1.07 19.22 8.74
N LYS A 175 -2.25 18.59 8.67
CA LYS A 175 -2.48 17.59 7.63
C LYS A 175 -2.68 18.24 6.27
N ASP A 176 -3.25 19.45 6.24
CA ASP A 176 -3.39 20.17 4.98
C ASP A 176 -2.03 20.55 4.41
N HIS A 177 -1.09 20.95 5.28
CA HIS A 177 0.25 21.28 4.82
C HIS A 177 0.91 20.10 4.12
N ILE A 178 0.74 18.89 4.68
CA ILE A 178 1.32 17.70 4.06
C ILE A 178 0.64 17.43 2.72
N HIS A 179 -0.69 17.56 2.65
CA HIS A 179 -1.38 17.32 1.39
C HIS A 179 -1.05 18.38 0.35
N ARG A 180 -0.68 19.59 0.78
CA ARG A 180 -0.25 20.60 -0.20
C ARG A 180 1.12 20.27 -0.74
N VAL A 181 2.02 19.74 0.10
CA VAL A 181 3.33 19.33 -0.39
C VAL A 181 3.21 18.09 -1.27
N LEU A 182 2.29 17.18 -0.91
CA LEU A 182 2.06 16.01 -1.74
C LEU A 182 1.56 16.41 -3.13
N ASP A 183 0.66 17.40 -3.18
CA ASP A 183 0.24 17.94 -4.48
C ASP A 183 1.40 18.61 -5.21
N LYS A 184 2.33 19.23 -4.46
CA LYS A 184 3.50 19.84 -5.08
C LYS A 184 4.37 18.80 -5.77
N ILE A 185 4.63 17.67 -5.10
CA ILE A 185 5.42 16.61 -5.70
C ILE A 185 4.69 15.98 -6.87
N THR A 186 3.36 15.93 -6.83
CA THR A 186 2.59 15.47 -7.98
C THR A 186 2.81 16.37 -9.18
N ASP A 187 2.77 17.69 -8.96
CA ASP A 187 3.11 18.62 -10.02
C ASP A 187 4.54 18.41 -10.49
N THR A 188 5.45 18.12 -9.56
CA THR A 188 6.84 17.87 -9.93
C THR A 188 6.98 16.62 -10.78
N LEU A 189 6.23 15.56 -10.43
CA LEU A 189 6.30 14.31 -11.19
C LEU A 189 5.76 14.49 -12.60
N ILE A 190 4.61 15.15 -12.73
CA ILE A 190 4.05 15.41 -14.05
C ILE A 190 4.98 16.34 -14.85
N HIS A 191 5.62 17.29 -14.17
CA HIS A 191 6.57 18.16 -14.84
C HIS A 191 7.75 17.37 -15.39
N LEU A 192 8.19 16.34 -14.67
CA LEU A 192 9.31 15.52 -15.15
C LEU A 192 8.92 14.68 -16.34
N MET A 193 7.68 14.17 -16.36
CA MET A 193 7.25 13.32 -17.46
C MET A 193 7.01 14.13 -18.74
N ALA A 194 6.38 15.29 -18.61
CA ALA A 194 6.19 16.15 -19.78
C ALA A 194 7.52 16.67 -20.29
N LYS A 195 8.51 16.83 -19.40
CA LYS A 195 9.84 17.25 -19.82
C LYS A 195 10.53 16.18 -20.66
N ALA A 196 10.18 14.91 -20.44
CA ALA A 196 10.75 13.79 -21.16
C ALA A 196 10.04 13.50 -22.47
N GLY A 197 8.99 14.25 -22.80
CA GLY A 197 8.31 14.11 -24.07
C GLY A 197 7.06 13.27 -24.04
N LEU A 198 6.62 12.82 -22.88
CA LEU A 198 5.41 12.00 -22.80
C LEU A 198 4.17 12.84 -23.08
N THR A 199 3.21 12.23 -23.78
CA THR A 199 1.96 12.93 -24.07
C THR A 199 1.12 13.03 -22.80
N LEU A 200 -0.01 13.73 -22.93
CA LEU A 200 -0.90 13.91 -21.78
C LEU A 200 -1.43 12.57 -21.29
N GLN A 201 -1.77 11.67 -22.22
CA GLN A 201 -2.28 10.36 -21.81
C GLN A 201 -1.19 9.53 -21.14
N GLN A 202 0.05 9.64 -21.62
CA GLN A 202 1.14 8.91 -20.99
C GLN A 202 1.53 9.49 -19.64
N GLN A 203 1.22 10.76 -19.37
CA GLN A 203 1.61 11.38 -18.12
C GLN A 203 0.81 10.81 -16.95
N HIS A 204 -0.51 10.85 -17.04
CA HIS A 204 -1.32 10.36 -15.94
C HIS A 204 -1.31 8.84 -15.86
N GLN A 205 -1.04 8.14 -16.97
CA GLN A 205 -0.88 6.70 -16.92
C GLN A 205 0.39 6.32 -16.19
N ARG A 206 1.52 6.95 -16.53
CA ARG A 206 2.77 6.69 -15.82
C ARG A 206 2.69 7.16 -14.38
N LEU A 207 1.99 8.28 -14.13
CA LEU A 207 1.76 8.71 -12.76
C LEU A 207 1.02 7.64 -11.97
N ALA A 208 -0.01 7.04 -12.58
CA ALA A 208 -0.78 6.00 -11.89
C ALA A 208 0.06 4.75 -11.65
N GLN A 209 0.83 4.32 -12.66
CA GLN A 209 1.63 3.11 -12.51
C GLN A 209 2.66 3.26 -11.40
N LEU A 210 3.30 4.43 -11.30
CA LEU A 210 4.31 4.64 -10.26
C LEU A 210 3.68 4.64 -8.87
N LEU A 211 2.53 5.31 -8.72
CA LEU A 211 1.93 5.41 -7.40
C LEU A 211 1.33 4.09 -6.95
N LEU A 212 0.90 3.24 -7.88
CA LEU A 212 0.37 1.94 -7.50
C LEU A 212 1.46 1.00 -6.99
N ILE A 213 2.71 1.21 -7.40
CA ILE A 213 3.82 0.42 -6.86
C ILE A 213 4.04 0.74 -5.39
N LEU A 214 3.74 1.98 -4.97
CA LEU A 214 3.87 2.34 -3.57
C LEU A 214 2.97 1.49 -2.69
N SER A 215 1.81 1.09 -3.21
CA SER A 215 0.93 0.20 -2.46
C SER A 215 1.59 -1.14 -2.19
N HIS A 216 2.41 -1.62 -3.13
CA HIS A 216 3.15 -2.87 -2.94
CA HIS A 216 3.11 -2.87 -2.91
C HIS A 216 4.36 -2.69 -2.05
N ILE A 217 5.00 -1.52 -2.11
CA ILE A 217 6.09 -1.21 -1.20
C ILE A 217 5.58 -1.19 0.23
N ARG A 218 4.36 -0.68 0.43
CA ARG A 218 3.72 -0.77 1.74
C ARG A 218 3.55 -2.22 2.18
N HIS A 219 3.19 -3.08 1.23
CA HIS A 219 2.98 -4.49 1.55
C HIS A 219 4.28 -5.17 1.96
N MET A 220 5.37 -4.89 1.24
CA MET A 220 6.66 -5.45 1.61
C MET A 220 7.10 -4.97 2.99
N SER A 221 6.82 -3.70 3.29
CA SER A 221 7.17 -3.16 4.61
C SER A 221 6.41 -3.90 5.71
N ASN A 222 5.11 -4.13 5.51
CA ASN A 222 4.32 -4.84 6.51
C ASN A 222 4.79 -6.27 6.69
N LYS A 223 5.10 -6.96 5.59
CA LYS A 223 5.65 -8.31 5.69
C LYS A 223 7.02 -8.29 6.33
N GLY A 224 7.84 -7.28 6.01
CA GLY A 224 9.16 -7.19 6.58
C GLY A 224 9.17 -6.72 8.02
N MET A 225 8.23 -5.85 8.39
CA MET A 225 8.13 -5.42 9.78
C MET A 225 7.73 -6.57 10.69
N GLU A 226 6.89 -7.49 10.18
CA GLU A 226 6.52 -8.66 10.97
C GLU A 226 7.70 -9.62 11.11
N HIS A 227 8.49 -9.77 10.03
CA HIS A 227 9.66 -10.64 10.09
C HIS A 227 10.72 -10.09 11.03
N LEU A 228 10.85 -8.76 11.11
CA LEU A 228 11.79 -8.16 12.03
C LEU A 228 11.32 -8.31 13.48
N TYR A 229 10.02 -8.43 13.70
CA TYR A 229 9.51 -8.63 15.04
C TYR A 229 9.79 -10.04 15.56
N SER A 230 9.77 -11.03 14.67
CA SER A 230 10.03 -12.40 15.11
C SER A 230 11.48 -12.62 15.45
N MET A 231 12.39 -11.88 14.81
CA MET A 231 13.81 -11.97 15.16
C MET A 231 14.11 -11.29 16.48
N LYS A 232 13.30 -10.31 16.87
CA LYS A 232 13.42 -9.71 18.19
C LYS A 232 13.01 -10.74 19.24
N CYS A 233 12.04 -11.57 18.87
CA CYS A 233 11.52 -12.60 19.76
C CYS A 233 12.41 -13.85 19.79
N LYS A 234 13.28 -13.96 18.79
CA LYS A 234 14.28 -15.03 18.77
C LYS A 234 15.52 -14.61 19.53
N ASN A 235 15.82 -13.31 19.48
CA ASN A 235 16.98 -12.72 20.14
C ASN A 235 18.27 -13.39 19.69
N VAL A 236 18.39 -13.66 18.40
CA VAL A 236 19.58 -14.28 17.81
C VAL A 236 20.45 -13.25 17.11
N VAL A 237 19.85 -12.40 16.27
CA VAL A 237 20.55 -11.32 15.61
C VAL A 237 20.39 -10.06 16.45
N PRO A 238 21.46 -9.43 16.92
CA PRO A 238 21.32 -8.27 17.81
C PRO A 238 20.81 -7.05 17.03
N LEU A 239 19.70 -6.50 17.48
CA LEU A 239 19.11 -5.29 16.89
C LEU A 239 19.51 -4.08 17.72
N SER A 240 19.84 -2.98 17.04
CA SER A 240 20.21 -1.76 17.74
C SER A 240 19.00 -1.17 18.44
N ASP A 241 19.27 -0.33 19.44
CA ASP A 241 18.19 0.30 20.19
C ASP A 241 17.35 1.21 19.30
N LEU A 242 17.99 1.89 18.34
CA LEU A 242 17.24 2.72 17.41
C LEU A 242 16.34 1.87 16.52
N LEU A 243 16.85 0.76 16.02
CA LEU A 243 16.03 -0.15 15.23
C LEU A 243 14.90 -0.74 16.06
N LEU A 244 15.14 -0.97 17.35
CA LEU A 244 14.07 -1.51 18.19
C LEU A 244 12.98 -0.48 18.43
N GLU A 245 13.35 0.80 18.57
CA GLU A 245 12.35 1.84 18.80
C GLU A 245 11.54 2.12 17.55
N MET A 246 12.15 2.02 16.37
CA MET A 246 11.37 2.10 15.13
C MET A 246 10.48 0.90 14.96
N LEU A 247 10.91 -0.26 15.44
CA LEU A 247 10.10 -1.47 15.34
C LEU A 247 8.94 -1.46 16.33
N ASP A 248 9.18 -0.91 17.53
CA ASP A 248 8.12 -0.85 18.54
C ASP A 248 7.00 0.10 18.15
N ALA A 249 7.26 1.05 17.25
CA ALA A 249 6.25 2.01 16.84
C ALA A 249 5.13 1.38 16.02
N HIS A 250 5.32 0.14 15.54
CA HIS A 250 4.30 -0.57 14.78
C HIS A 250 3.51 -1.55 15.62
N ARG A 251 3.58 -1.44 16.95
CA ARG A 251 2.78 -2.29 17.83
C ARG A 251 2.39 -1.53 19.09
N ASN B 7 -7.96 -11.01 -28.85
CA ASN B 7 -8.72 -9.76 -28.81
C ASN B 7 -9.64 -9.73 -27.59
N SER B 8 -9.52 -8.66 -26.81
CA SER B 8 -10.28 -8.50 -25.58
C SER B 8 -11.26 -7.34 -25.69
N LEU B 9 -12.24 -7.33 -24.79
CA LEU B 9 -13.25 -6.28 -24.77
C LEU B 9 -12.87 -5.12 -23.85
N ALA B 10 -12.08 -5.38 -22.81
CA ALA B 10 -11.73 -4.33 -21.86
C ALA B 10 -10.93 -3.21 -22.51
N LEU B 11 -10.16 -3.53 -23.55
CA LEU B 11 -9.38 -2.50 -24.24
C LEU B 11 -10.22 -1.73 -25.25
N SER B 12 -11.35 -2.28 -25.68
CA SER B 12 -12.22 -1.63 -26.66
C SER B 12 -13.36 -0.86 -26.01
N LEU B 13 -13.37 -0.75 -24.68
CA LEU B 13 -14.38 0.03 -23.98
C LEU B 13 -13.99 1.50 -23.96
N THR B 14 -14.99 2.36 -24.11
CA THR B 14 -14.76 3.79 -23.97
C THR B 14 -14.77 4.17 -22.49
N ALA B 15 -14.64 5.47 -22.22
CA ALA B 15 -14.65 5.92 -20.82
C ALA B 15 -16.04 5.79 -20.22
N ASP B 16 -17.07 6.26 -20.94
CA ASP B 16 -18.43 6.15 -20.42
C ASP B 16 -18.87 4.69 -20.33
N GLN B 17 -18.43 3.86 -21.29
CA GLN B 17 -18.74 2.44 -21.24
C GLN B 17 -18.03 1.75 -20.07
N MET B 18 -16.86 2.26 -19.68
CA MET B 18 -16.17 1.71 -18.53
C MET B 18 -16.94 2.00 -17.24
N VAL B 19 -17.48 3.20 -17.12
CA VAL B 19 -18.24 3.55 -15.92
C VAL B 19 -19.54 2.76 -15.85
N SER B 20 -20.24 2.63 -16.98
CA SER B 20 -21.51 1.92 -17.00
C SER B 20 -21.31 0.45 -16.64
N ALA B 21 -20.22 -0.17 -17.10
CA ALA B 21 -19.97 -1.56 -16.76
C ALA B 21 -19.66 -1.75 -15.29
N LEU B 22 -18.88 -0.83 -14.71
CA LEU B 22 -18.54 -0.96 -13.29
C LEU B 22 -19.73 -0.64 -12.39
N LEU B 23 -20.64 0.23 -12.85
CA LEU B 23 -21.81 0.54 -12.04
C LEU B 23 -22.84 -0.58 -12.06
N ASP B 24 -23.04 -1.21 -13.21
CA ASP B 24 -23.98 -2.33 -13.27
C ASP B 24 -23.50 -3.52 -12.46
N ALA B 25 -22.18 -3.69 -12.34
CA ALA B 25 -21.62 -4.81 -11.61
C ALA B 25 -21.59 -4.59 -10.11
N GLU B 26 -22.06 -3.44 -9.62
CA GLU B 26 -21.98 -3.13 -8.20
C GLU B 26 -22.72 -4.18 -7.38
N PRO B 27 -22.08 -4.79 -6.38
CA PRO B 27 -22.77 -5.74 -5.53
C PRO B 27 -23.76 -5.04 -4.62
N PRO B 28 -24.73 -5.76 -4.06
CA PRO B 28 -25.71 -5.13 -3.18
C PRO B 28 -25.14 -4.93 -1.77
N ILE B 29 -25.85 -4.12 -0.99
CA ILE B 29 -25.50 -3.87 0.40
C ILE B 29 -26.24 -4.91 1.23
N LEU B 30 -25.52 -5.94 1.67
CA LEU B 30 -26.13 -6.99 2.46
C LEU B 30 -26.43 -6.50 3.87
N TYR B 31 -27.34 -7.20 4.55
CA TYR B 31 -27.72 -6.87 5.91
C TYR B 31 -27.01 -7.78 6.89
N SER B 32 -27.01 -7.36 8.15
CA SER B 32 -26.42 -8.11 9.24
C SER B 32 -27.50 -8.83 10.03
N GLU B 33 -27.09 -9.87 10.75
CA GLU B 33 -27.97 -10.57 11.67
C GLU B 33 -28.01 -9.92 13.05
N TYR B 34 -27.74 -8.62 13.12
CA TYR B 34 -27.66 -7.93 14.40
C TYR B 34 -29.03 -7.84 15.05
N ASP B 35 -29.08 -8.17 16.34
CA ASP B 35 -30.32 -8.10 17.12
C ASP B 35 -30.10 -7.14 18.29
N PRO B 36 -30.76 -5.98 18.33
CA PRO B 36 -30.51 -5.06 19.44
C PRO B 36 -31.02 -5.57 20.77
N THR B 37 -32.08 -6.38 20.77
CA THR B 37 -32.48 -7.07 22.00
C THR B 37 -31.34 -7.95 22.51
N ARG B 38 -30.77 -8.78 21.64
CA ARG B 38 -29.76 -9.76 22.06
C ARG B 38 -28.53 -9.06 22.63
N PRO B 39 -28.01 -9.51 23.77
CA PRO B 39 -26.84 -8.84 24.35
C PRO B 39 -25.57 -9.10 23.54
N PHE B 40 -24.51 -8.34 23.88
CA PHE B 40 -23.38 -8.12 22.98
C PHE B 40 -22.08 -8.56 23.64
N SER B 41 -21.34 -9.48 22.99
CA SER B 41 -20.02 -9.92 23.43
C SER B 41 -18.99 -9.53 22.38
N GLU B 42 -17.74 -9.48 22.83
CA GLU B 42 -16.63 -9.30 21.90
C GLU B 42 -16.69 -10.31 20.77
N ALA B 43 -17.03 -11.57 21.08
CA ALA B 43 -17.16 -12.58 20.03
C ALA B 43 -18.49 -12.51 19.30
N SER B 44 -19.54 -11.97 19.94
CA SER B 44 -20.82 -11.83 19.27
C SER B 44 -20.75 -10.77 18.17
N MET B 45 -20.05 -9.66 18.44
CA MET B 45 -19.90 -8.62 17.42
C MET B 45 -19.05 -9.11 16.26
N MET B 46 -17.92 -9.76 16.56
CA MET B 46 -17.07 -10.27 15.49
C MET B 46 -17.75 -11.39 14.71
N GLY B 47 -18.60 -12.18 15.38
CA GLY B 47 -19.35 -13.19 14.66
C GLY B 47 -20.28 -12.60 13.62
N LEU B 48 -20.85 -11.43 13.93
CA LEU B 48 -21.68 -10.74 12.95
C LEU B 48 -20.84 -10.19 11.80
N LEU B 49 -19.65 -9.67 12.11
CA LEU B 49 -18.81 -9.09 11.07
C LEU B 49 -18.22 -10.18 10.18
N THR B 50 -17.85 -11.32 10.76
CA THR B 50 -17.32 -12.41 9.96
C THR B 50 -18.41 -13.12 9.16
N ASN B 51 -19.62 -13.21 9.72
CA ASN B 51 -20.75 -13.73 8.95
C ASN B 51 -21.07 -12.81 7.78
N LEU B 52 -21.02 -11.50 8.00
CA LEU B 52 -21.32 -10.55 6.94
C LEU B 52 -20.25 -10.57 5.86
N ALA B 53 -18.97 -10.65 6.26
CA ALA B 53 -17.89 -10.67 5.28
C ALA B 53 -17.96 -11.92 4.41
N ASP B 54 -18.31 -13.06 5.00
CA ASP B 54 -18.42 -14.30 4.22
C ASP B 54 -19.47 -14.19 3.13
N ARG B 55 -20.67 -13.71 3.48
CA ARG B 55 -21.71 -13.54 2.47
C ARG B 55 -21.32 -12.49 1.44
N GLU B 56 -20.54 -11.48 1.83
CA GLU B 56 -20.08 -10.49 0.85
C GLU B 56 -19.03 -11.07 -0.09
N LEU B 57 -18.28 -12.07 0.37
CA LEU B 57 -17.29 -12.71 -0.49
C LEU B 57 -17.95 -13.40 -1.67
N VAL B 58 -19.15 -13.96 -1.45
CA VAL B 58 -19.85 -14.62 -2.55
C VAL B 58 -20.24 -13.62 -3.61
N HIS B 59 -20.65 -12.41 -3.20
CA HIS B 59 -21.02 -11.39 -4.18
C HIS B 59 -19.78 -10.80 -4.84
N MET B 60 -18.68 -10.69 -4.10
CA MET B 60 -17.45 -10.12 -4.67
C MET B 60 -16.88 -11.02 -5.76
N ILE B 61 -16.94 -12.34 -5.55
CA ILE B 61 -16.44 -13.28 -6.54
C ILE B 61 -17.18 -13.12 -7.86
N ASN B 62 -18.51 -12.94 -7.79
CA ASN B 62 -19.29 -12.72 -9.00
C ASN B 62 -19.22 -11.28 -9.49
N TRP B 63 -18.89 -10.33 -8.61
CA TRP B 63 -18.64 -8.97 -9.05
C TRP B 63 -17.35 -8.88 -9.86
N ALA B 64 -16.34 -9.67 -9.47
CA ALA B 64 -15.07 -9.65 -10.19
C ALA B 64 -15.19 -10.19 -11.60
N LYS B 65 -16.12 -11.12 -11.83
CA LYS B 65 -16.32 -11.65 -13.17
C LYS B 65 -16.79 -10.57 -14.13
N ARG B 66 -17.62 -9.65 -13.65
CA ARG B 66 -18.13 -8.57 -14.48
C ARG B 66 -17.18 -7.39 -14.57
N VAL B 67 -15.98 -7.49 -14.00
CA VAL B 67 -14.98 -6.44 -14.13
C VAL B 67 -14.23 -6.61 -15.45
N PRO B 68 -14.12 -5.57 -16.27
CA PRO B 68 -13.50 -5.73 -17.59
C PRO B 68 -12.05 -6.20 -17.48
N GLY B 69 -11.70 -7.22 -18.27
CA GLY B 69 -10.39 -7.79 -18.30
C GLY B 69 -10.17 -8.93 -17.34
N PHE B 70 -10.92 -8.97 -16.23
CA PHE B 70 -10.74 -10.02 -15.23
C PHE B 70 -11.12 -11.38 -15.79
N VAL B 71 -12.14 -11.45 -16.65
CA VAL B 71 -12.55 -12.71 -17.24
C VAL B 71 -11.52 -13.20 -18.26
N ASP B 72 -10.76 -12.28 -18.87
CA ASP B 72 -9.73 -12.66 -19.84
C ASP B 72 -8.53 -13.32 -19.19
N LEU B 73 -8.45 -13.36 -17.87
CA LEU B 73 -7.29 -13.85 -17.16
C LEU B 73 -7.40 -15.35 -16.89
N THR B 74 -6.25 -15.95 -16.58
CA THR B 74 -6.20 -17.36 -16.20
C THR B 74 -7.03 -17.58 -14.94
N LEU B 75 -7.67 -18.76 -14.85
CA LEU B 75 -8.40 -19.11 -13.65
C LEU B 75 -7.49 -19.02 -12.42
N HIS B 76 -6.25 -19.51 -12.55
CA HIS B 76 -5.30 -19.41 -11.45
C HIS B 76 -4.90 -17.96 -11.17
N ASP B 77 -4.84 -17.13 -12.21
CA ASP B 77 -4.55 -15.71 -12.02
C ASP B 77 -5.72 -15.01 -11.34
N GLN B 78 -6.95 -15.40 -11.66
CA GLN B 78 -8.11 -14.82 -10.99
C GLN B 78 -8.10 -15.15 -9.50
N VAL B 79 -7.75 -16.39 -9.16
CA VAL B 79 -7.70 -16.80 -7.76
C VAL B 79 -6.65 -15.99 -7.01
N HIS B 80 -5.49 -15.76 -7.62
CA HIS B 80 -4.43 -15.04 -6.94
C HIS B 80 -4.82 -13.60 -6.64
N LEU B 81 -5.44 -12.93 -7.61
CA LEU B 81 -5.81 -11.52 -7.39
C LEU B 81 -6.84 -11.39 -6.27
N LEU B 82 -7.84 -12.28 -6.25
CA LEU B 82 -8.85 -12.22 -5.20
C LEU B 82 -8.27 -12.59 -3.84
N GLU B 83 -7.35 -13.54 -3.80
CA GLU B 83 -6.77 -13.98 -2.53
C GLU B 83 -5.97 -12.88 -1.84
N CYS B 84 -5.48 -11.91 -2.61
CA CYS B 84 -4.70 -10.83 -2.02
CA CYS B 84 -4.66 -10.82 -2.09
C CYS B 84 -5.44 -9.51 -1.91
N ALA B 85 -6.57 -9.39 -2.59
CA ALA B 85 -7.32 -8.14 -2.58
C ALA B 85 -8.69 -8.21 -1.89
N TRP B 86 -9.10 -9.41 -1.47
CA TRP B 86 -10.47 -9.58 -0.98
C TRP B 86 -10.77 -8.70 0.23
N LEU B 87 -9.82 -8.62 1.17
CA LEU B 87 -10.04 -7.77 2.34
C LEU B 87 -9.87 -6.29 2.01
N GLU B 88 -8.98 -5.96 1.08
CA GLU B 88 -8.87 -4.58 0.62
C GLU B 88 -10.21 -4.10 0.03
N ILE B 89 -10.85 -4.95 -0.77
CA ILE B 89 -12.10 -4.57 -1.41
C ILE B 89 -13.23 -4.48 -0.40
N LEU B 90 -13.25 -5.38 0.59
CA LEU B 90 -14.24 -5.27 1.66
C LEU B 90 -14.06 -3.96 2.44
N MET B 91 -12.81 -3.58 2.70
CA MET B 91 -12.57 -2.40 3.52
C MET B 91 -12.94 -1.11 2.77
N ILE B 92 -12.61 -1.04 1.48
CA ILE B 92 -12.95 0.17 0.73
C ILE B 92 -14.46 0.26 0.51
N GLY B 93 -15.14 -0.88 0.40
CA GLY B 93 -16.59 -0.85 0.32
C GLY B 93 -17.22 -0.37 1.61
N LEU B 94 -16.71 -0.84 2.75
CA LEU B 94 -17.21 -0.37 4.04
C LEU B 94 -16.93 1.12 4.23
N VAL B 95 -15.73 1.56 3.84
CA VAL B 95 -15.38 2.97 3.96
C VAL B 95 -16.29 3.82 3.08
N TRP B 96 -16.60 3.34 1.88
CA TRP B 96 -17.47 4.09 0.96
C TRP B 96 -18.88 4.22 1.51
N ARG B 97 -19.40 3.16 2.14
CA ARG B 97 -20.75 3.21 2.70
C ARG B 97 -20.81 4.13 3.91
N SER B 98 -19.73 4.16 4.70
CA SER B 98 -19.68 4.95 5.92
C SER B 98 -19.32 6.41 5.66
N MET B 99 -19.25 6.81 4.40
CA MET B 99 -18.80 8.15 4.05
C MET B 99 -19.76 9.22 4.53
N GLU B 100 -21.06 8.93 4.55
CA GLU B 100 -22.08 9.88 4.98
C GLU B 100 -22.38 9.81 6.47
N HIS B 101 -21.58 9.06 7.24
CA HIS B 101 -21.80 8.88 8.67
C HIS B 101 -20.52 9.23 9.40
N PRO B 102 -20.30 10.51 9.72
CA PRO B 102 -19.05 10.91 10.36
C PRO B 102 -18.86 10.23 11.70
N GLY B 103 -17.68 9.66 11.90
CA GLY B 103 -17.36 8.98 13.14
C GLY B 103 -18.00 7.63 13.32
N LYS B 104 -18.60 7.05 12.28
CA LYS B 104 -19.26 5.76 12.38
C LYS B 104 -18.94 4.93 11.15
N LEU B 105 -18.95 3.61 11.34
CA LEU B 105 -18.74 2.65 10.26
C LEU B 105 -20.03 1.90 10.00
N LEU B 106 -20.49 1.93 8.75
CA LEU B 106 -21.74 1.28 8.36
C LEU B 106 -21.40 -0.09 7.77
N PHE B 107 -21.20 -1.07 8.66
CA PHE B 107 -20.98 -2.43 8.20
C PHE B 107 -22.20 -2.96 7.46
N ALA B 108 -23.39 -2.64 7.97
CA ALA B 108 -24.65 -3.01 7.36
C ALA B 108 -25.65 -1.91 7.65
N PRO B 109 -26.73 -1.79 6.87
CA PRO B 109 -27.73 -0.76 7.17
C PRO B 109 -28.29 -0.86 8.58
N ASN B 110 -28.30 -2.04 9.18
CA ASN B 110 -28.75 -2.22 10.54
C ASN B 110 -27.61 -2.32 11.54
N LEU B 111 -26.37 -2.14 11.09
CA LEU B 111 -25.19 -2.23 11.97
C LEU B 111 -24.33 -1.00 11.70
N LEU B 112 -24.58 0.06 12.45
CA LEU B 112 -23.80 1.29 12.40
C LEU B 112 -23.08 1.44 13.73
N LEU B 113 -21.75 1.36 13.72
CA LEU B 113 -20.95 1.31 14.93
C LEU B 113 -19.99 2.50 14.98
N ASP B 114 -19.92 3.15 16.14
CA ASP B 114 -18.88 4.12 16.42
C ASP B 114 -17.67 3.42 17.04
N ARG B 115 -16.59 4.17 17.21
CA ARG B 115 -15.35 3.55 17.67
C ARG B 115 -15.46 2.99 19.08
N ASN B 116 -16.27 3.61 19.94
CA ASN B 116 -16.43 3.10 21.30
C ASN B 116 -17.14 1.75 21.30
N GLN B 117 -18.15 1.59 20.44
CA GLN B 117 -18.78 0.28 20.28
C GLN B 117 -17.83 -0.72 19.62
N GLY B 118 -17.04 -0.25 18.66
CA GLY B 118 -16.06 -1.10 18.01
C GLY B 118 -14.82 -1.35 18.83
N LYS B 119 -14.62 -0.61 19.92
CA LYS B 119 -13.49 -0.83 20.81
C LYS B 119 -13.68 -2.03 21.72
N CYS B 120 -14.86 -2.65 21.71
CA CYS B 120 -15.10 -3.83 22.53
C CYS B 120 -14.28 -5.04 22.09
N VAL B 121 -13.64 -4.98 20.93
CA VAL B 121 -12.74 -6.03 20.47
C VAL B 121 -11.33 -5.45 20.44
N GLU B 122 -10.43 -6.07 21.21
CA GLU B 122 -9.06 -5.59 21.29
C GLU B 122 -8.34 -5.79 19.96
N GLY B 123 -7.46 -4.85 19.63
CA GLY B 123 -6.74 -4.88 18.37
C GLY B 123 -7.55 -4.27 17.24
N MET B 124 -8.88 -4.41 17.33
CA MET B 124 -9.79 -3.83 16.35
C MET B 124 -9.86 -2.31 16.47
N VAL B 125 -9.39 -1.73 17.58
CA VAL B 125 -9.49 -0.29 17.77
C VAL B 125 -8.63 0.45 16.74
N GLU B 126 -7.42 -0.05 16.47
CA GLU B 126 -6.54 0.60 15.51
C GLU B 126 -7.11 0.51 14.11
N ILE B 127 -7.52 -0.69 13.69
CA ILE B 127 -8.14 -0.88 12.39
C ILE B 127 -9.41 -0.02 12.28
N PHE B 128 -10.14 0.13 13.39
CA PHE B 128 -11.37 0.92 13.37
C PHE B 128 -11.09 2.38 13.08
N ASP B 129 -10.07 2.95 13.72
CA ASP B 129 -9.75 4.36 13.52
C ASP B 129 -9.23 4.62 12.11
N MET B 130 -8.42 3.71 11.58
CA MET B 130 -7.91 3.88 10.21
C MET B 130 -9.04 3.83 9.19
N LEU B 131 -10.03 2.96 9.41
CA LEU B 131 -11.18 2.93 8.52
C LEU B 131 -11.98 4.23 8.62
N LEU B 132 -12.14 4.77 9.83
CA LEU B 132 -12.84 6.04 9.99
C LEU B 132 -12.07 7.18 9.32
N ALA B 133 -10.74 7.17 9.44
CA ALA B 133 -9.95 8.22 8.81
C ALA B 133 -9.99 8.12 7.29
N THR B 134 -10.15 6.91 6.74
CA THR B 134 -10.24 6.78 5.29
C THR B 134 -11.55 7.34 4.78
N SER B 135 -12.65 7.11 5.49
CA SER B 135 -13.94 7.67 5.06
C SER B 135 -13.98 9.17 5.29
N SER B 136 -13.25 9.68 6.28
CA SER B 136 -13.11 11.12 6.44
C SER B 136 -12.36 11.72 5.26
N ARG B 137 -11.27 11.06 4.82
CA ARG B 137 -10.53 11.56 3.67
C ARG B 137 -11.38 11.52 2.41
N PHE B 138 -12.20 10.47 2.25
CA PHE B 138 -13.14 10.44 1.13
C PHE B 138 -14.17 11.55 1.24
N ARG B 139 -14.63 11.84 2.47
CA ARG B 139 -15.62 12.89 2.66
C ARG B 139 -15.03 14.26 2.37
N MET B 140 -13.78 14.48 2.76
CA MET B 140 -13.11 15.74 2.45
C MET B 140 -12.93 15.92 0.96
N MET B 141 -12.52 14.86 0.26
CA MET B 141 -12.34 14.91 -1.18
C MET B 141 -13.65 14.84 -1.95
N ASN B 142 -14.76 14.53 -1.28
CA ASN B 142 -16.06 14.32 -1.92
C ASN B 142 -15.95 13.31 -3.06
N LEU B 143 -15.58 12.09 -2.68
CA LEU B 143 -15.44 11.02 -3.65
C LEU B 143 -16.79 10.67 -4.29
N GLN B 144 -16.77 10.49 -5.61
CA GLN B 144 -17.97 10.15 -6.34
C GLN B 144 -18.02 8.65 -6.61
N GLY B 145 -19.25 8.13 -6.74
CA GLY B 145 -19.41 6.70 -6.98
C GLY B 145 -18.75 6.24 -8.27
N GLU B 146 -18.66 7.12 -9.26
CA GLU B 146 -17.95 6.77 -10.49
C GLU B 146 -16.47 6.57 -10.22
N GLU B 147 -15.90 7.36 -9.31
CA GLU B 147 -14.49 7.21 -8.95
C GLU B 147 -14.26 6.04 -8.01
N PHE B 148 -15.24 5.75 -7.15
CA PHE B 148 -15.12 4.63 -6.21
C PHE B 148 -15.04 3.30 -6.94
N VAL B 149 -15.98 3.06 -7.87
CA VAL B 149 -15.99 1.80 -8.61
C VAL B 149 -14.72 1.66 -9.44
N CYS B 150 -14.10 2.78 -9.82
CA CYS B 150 -12.81 2.70 -10.51
C CYS B 150 -11.72 2.25 -9.56
N LEU B 151 -11.65 2.87 -8.38
CA LEU B 151 -10.61 2.53 -7.42
C LEU B 151 -10.73 1.09 -6.97
N LYS B 152 -11.96 0.58 -6.86
CA LYS B 152 -12.15 -0.80 -6.42
C LYS B 152 -11.67 -1.79 -7.48
N SER B 153 -11.90 -1.47 -8.76
CA SER B 153 -11.37 -2.33 -9.82
C SER B 153 -9.85 -2.21 -9.92
N ILE B 154 -9.29 -1.06 -9.54
CA ILE B 154 -7.84 -0.92 -9.52
C ILE B 154 -7.23 -1.81 -8.44
N ILE B 155 -7.86 -1.85 -7.27
CA ILE B 155 -7.39 -2.72 -6.19
C ILE B 155 -7.38 -4.18 -6.62
N LEU B 156 -8.43 -4.60 -7.33
CA LEU B 156 -8.53 -6.00 -7.73
C LEU B 156 -7.40 -6.41 -8.66
N LEU B 157 -7.05 -5.55 -9.62
CA LEU B 157 -6.07 -5.90 -10.63
C LEU B 157 -4.64 -5.55 -10.23
N ASN B 158 -4.44 -4.66 -9.26
CA ASN B 158 -3.10 -4.19 -8.93
C ASN B 158 -2.51 -4.83 -7.68
N SER B 159 -3.34 -5.34 -6.77
CA SER B 159 -2.84 -5.84 -5.50
C SER B 159 -2.19 -7.22 -5.62
N GLY B 160 -2.19 -7.84 -6.79
CA GLY B 160 -1.61 -9.16 -6.92
C GLY B 160 -0.77 -9.38 -8.15
N VAL B 161 -0.41 -8.31 -8.86
CA VAL B 161 0.40 -8.48 -10.07
C VAL B 161 1.87 -8.66 -9.73
N TYR B 162 2.34 -8.12 -8.62
CA TYR B 162 3.74 -8.19 -8.25
C TYR B 162 4.06 -9.39 -7.35
N THR B 163 3.14 -10.35 -7.24
CA THR B 163 3.36 -11.55 -6.45
C THR B 163 3.04 -12.82 -7.22
N PHE B 164 2.85 -12.74 -8.53
CA PHE B 164 2.57 -13.90 -9.37
C PHE B 164 3.73 -14.90 -9.35
N THR B 168 6.59 -19.21 -18.98
CA THR B 168 6.90 -17.96 -18.29
C THR B 168 6.60 -16.77 -19.18
N LEU B 169 7.09 -16.81 -20.43
CA LEU B 169 6.78 -15.74 -21.37
C LEU B 169 5.29 -15.68 -21.67
N LYS B 170 4.59 -16.80 -21.57
CA LYS B 170 3.14 -16.78 -21.69
C LYS B 170 2.48 -16.22 -20.42
N SER B 171 3.15 -16.36 -19.28
CA SER B 171 2.62 -15.78 -18.04
C SER B 171 2.84 -14.28 -17.98
N LEU B 172 3.89 -13.77 -18.63
CA LEU B 172 4.13 -12.34 -18.68
C LEU B 172 3.24 -11.65 -19.70
N GLU B 173 2.74 -12.38 -20.71
CA GLU B 173 1.79 -11.79 -21.64
C GLU B 173 0.49 -11.42 -20.95
N GLU B 174 0.02 -12.27 -20.02
CA GLU B 174 -1.18 -11.96 -19.26
C GLU B 174 -0.92 -10.84 -18.26
N LYS B 175 0.29 -10.77 -17.71
CA LYS B 175 0.62 -9.69 -16.78
C LYS B 175 0.69 -8.36 -17.50
N ASP B 176 1.19 -8.35 -18.73
CA ASP B 176 1.20 -7.11 -19.53
C ASP B 176 -0.21 -6.71 -19.94
N HIS B 177 -1.12 -7.68 -20.06
CA HIS B 177 -2.50 -7.37 -20.39
C HIS B 177 -3.22 -6.69 -19.22
N ILE B 178 -2.88 -7.08 -17.98
CA ILE B 178 -3.51 -6.47 -16.82
C ILE B 178 -3.16 -4.98 -16.74
N HIS B 179 -1.90 -4.65 -16.99
CA HIS B 179 -1.49 -3.24 -16.93
C HIS B 179 -2.18 -2.41 -18.00
N ARG B 180 -2.51 -3.02 -19.14
CA ARG B 180 -3.26 -2.29 -20.17
C ARG B 180 -4.67 -1.97 -19.70
N VAL B 181 -5.26 -2.85 -18.88
CA VAL B 181 -6.58 -2.56 -18.32
C VAL B 181 -6.49 -1.50 -17.24
N LEU B 182 -5.44 -1.56 -16.41
CA LEU B 182 -5.24 -0.55 -15.38
C LEU B 182 -5.12 0.83 -16.00
N ASP B 183 -4.37 0.95 -17.10
CA ASP B 183 -4.27 2.22 -17.81
C ASP B 183 -5.60 2.68 -18.35
N LYS B 184 -6.48 1.74 -18.71
CA LYS B 184 -7.81 2.13 -19.16
C LYS B 184 -8.63 2.73 -18.02
N ILE B 185 -8.48 2.20 -16.81
CA ILE B 185 -9.19 2.76 -15.67
C ILE B 185 -8.62 4.12 -15.30
N THR B 186 -7.31 4.31 -15.48
CA THR B 186 -6.72 5.61 -15.21
C THR B 186 -7.24 6.66 -16.19
N ASP B 187 -7.33 6.30 -17.48
CA ASP B 187 -7.96 7.18 -18.45
C ASP B 187 -9.40 7.51 -18.06
N THR B 188 -10.10 6.53 -17.48
CA THR B 188 -11.48 6.75 -17.06
C THR B 188 -11.54 7.72 -15.87
N LEU B 189 -10.62 7.59 -14.92
CA LEU B 189 -10.59 8.52 -13.79
C LEU B 189 -10.34 9.95 -14.28
N ILE B 190 -9.40 10.13 -15.22
CA ILE B 190 -9.15 11.46 -15.75
C ILE B 190 -10.35 11.97 -16.52
N HIS B 191 -11.00 11.09 -17.29
CA HIS B 191 -12.18 11.48 -18.03
C HIS B 191 -13.31 11.91 -17.10
N LEU B 192 -13.43 11.28 -15.93
CA LEU B 192 -14.43 11.70 -14.95
C LEU B 192 -14.10 13.07 -14.37
N MET B 193 -12.82 13.31 -14.06
CA MET B 193 -12.44 14.58 -13.45
C MET B 193 -12.52 15.74 -14.43
N ALA B 194 -12.31 15.47 -15.72
CA ALA B 194 -12.41 16.52 -16.72
C ALA B 194 -13.85 17.00 -16.88
N LYS B 195 -14.83 16.10 -16.72
CA LYS B 195 -16.23 16.49 -16.78
C LYS B 195 -16.62 17.35 -15.58
N ALA B 196 -16.01 17.12 -14.42
CA ALA B 196 -16.35 17.88 -13.22
C ALA B 196 -15.78 19.30 -13.22
N GLY B 197 -15.22 19.77 -14.34
CA GLY B 197 -14.68 21.12 -14.41
C GLY B 197 -13.27 21.29 -13.89
N LEU B 198 -12.63 20.21 -13.43
CA LEU B 198 -11.28 20.32 -12.91
C LEU B 198 -10.30 20.67 -14.03
N THR B 199 -9.32 21.51 -13.71
CA THR B 199 -8.29 21.85 -14.66
C THR B 199 -7.32 20.68 -14.81
N LEU B 200 -6.44 20.79 -15.82
CA LEU B 200 -5.47 19.73 -16.09
C LEU B 200 -4.56 19.50 -14.89
N GLN B 201 -4.22 20.57 -14.15
CA GLN B 201 -3.42 20.41 -12.94
C GLN B 201 -4.20 19.71 -11.84
N GLN B 202 -5.49 20.05 -11.70
CA GLN B 202 -6.29 19.46 -10.63
C GLN B 202 -6.59 17.99 -10.89
N GLN B 203 -6.67 17.57 -12.15
CA GLN B 203 -6.91 16.17 -12.46
C GLN B 203 -5.75 15.30 -12.00
N HIS B 204 -4.51 15.73 -12.27
CA HIS B 204 -3.36 14.94 -11.84
C HIS B 204 -3.23 14.91 -10.33
N GLN B 205 -3.60 16.00 -9.65
CA GLN B 205 -3.53 16.01 -8.20
C GLN B 205 -4.56 15.08 -7.59
N ARG B 206 -5.81 15.13 -8.09
CA ARG B 206 -6.85 14.26 -7.59
C ARG B 206 -6.54 12.80 -7.88
N LEU B 207 -6.04 12.51 -9.09
CA LEU B 207 -5.65 11.15 -9.43
C LEU B 207 -4.57 10.64 -8.48
N ALA B 208 -3.59 11.49 -8.15
CA ALA B 208 -2.56 11.09 -7.20
C ALA B 208 -3.13 10.94 -5.79
N GLN B 209 -4.04 11.83 -5.39
CA GLN B 209 -4.61 11.75 -4.05
C GLN B 209 -5.40 10.46 -3.87
N LEU B 210 -6.12 10.03 -4.92
CA LEU B 210 -6.92 8.82 -4.80
C LEU B 210 -6.06 7.57 -4.74
N LEU B 211 -5.04 7.49 -5.60
CA LEU B 211 -4.21 6.29 -5.63
C LEU B 211 -3.32 6.17 -4.40
N LEU B 212 -2.99 7.29 -3.76
CA LEU B 212 -2.22 7.23 -2.52
C LEU B 212 -3.05 6.66 -1.38
N ILE B 213 -4.37 6.85 -1.40
CA ILE B 213 -5.24 6.27 -0.39
C ILE B 213 -5.19 4.74 -0.46
N LEU B 214 -4.98 4.19 -1.65
CA LEU B 214 -4.90 2.74 -1.79
C LEU B 214 -3.72 2.17 -1.03
N SER B 215 -2.67 2.98 -0.83
CA SER B 215 -1.56 2.53 0.01
C SER B 215 -2.01 2.34 1.45
N HIS B 216 -2.88 3.23 1.93
CA HIS B 216 -3.39 3.09 3.29
CA HIS B 216 -3.39 3.09 3.29
C HIS B 216 -4.33 1.89 3.40
N ILE B 217 -5.15 1.66 2.38
CA ILE B 217 -6.04 0.51 2.39
C ILE B 217 -5.25 -0.79 2.41
N ARG B 218 -4.11 -0.82 1.71
CA ARG B 218 -3.22 -1.97 1.81
C ARG B 218 -2.72 -2.14 3.23
N HIS B 219 -2.33 -1.04 3.88
CA HIS B 219 -1.88 -1.10 5.26
C HIS B 219 -2.98 -1.63 6.18
N MET B 220 -4.21 -1.16 5.98
CA MET B 220 -5.32 -1.64 6.81
C MET B 220 -5.59 -3.12 6.54
N SER B 221 -5.47 -3.56 5.29
CA SER B 221 -5.69 -4.97 4.98
C SER B 221 -4.61 -5.85 5.57
N ASN B 222 -3.35 -5.42 5.50
CA ASN B 222 -2.27 -6.20 6.11
C ASN B 222 -2.47 -6.32 7.61
N LYS B 223 -2.75 -5.21 8.29
CA LYS B 223 -3.06 -5.26 9.71
C LYS B 223 -4.33 -6.05 9.97
N GLY B 224 -5.36 -5.84 9.14
CA GLY B 224 -6.59 -6.60 9.29
C GLY B 224 -6.42 -8.08 9.05
N MET B 225 -5.49 -8.45 8.18
CA MET B 225 -5.23 -9.87 7.94
C MET B 225 -4.50 -10.52 9.12
N GLU B 226 -3.68 -9.74 9.82
CA GLU B 226 -2.98 -10.28 10.99
C GLU B 226 -3.94 -10.48 12.16
N HIS B 227 -4.83 -9.52 12.40
CA HIS B 227 -5.81 -9.67 13.47
C HIS B 227 -6.79 -10.81 13.17
N LEU B 228 -7.10 -11.04 11.90
CA LEU B 228 -7.95 -12.16 11.53
C LEU B 228 -7.25 -13.49 11.76
N TYR B 229 -5.91 -13.51 11.70
CA TYR B 229 -5.18 -14.74 11.94
C TYR B 229 -5.21 -15.13 13.41
N SER B 230 -5.02 -14.16 14.31
CA SER B 230 -5.08 -14.46 15.73
C SER B 230 -6.48 -14.88 16.16
N MET B 231 -7.51 -14.44 15.43
CA MET B 231 -8.87 -14.86 15.71
C MET B 231 -9.07 -16.35 15.41
N LYS B 232 -8.32 -16.87 14.44
CA LYS B 232 -8.38 -18.29 14.08
C LYS B 232 -7.78 -19.14 15.20
N CYS B 233 -6.60 -18.77 15.66
CA CYS B 233 -5.93 -19.47 16.75
C CYS B 233 -6.66 -19.32 18.09
N LYS B 234 -7.33 -18.19 18.27
CA LYS B 234 -8.15 -17.99 19.45
C LYS B 234 -9.36 -18.93 19.41
N ASN B 235 -9.82 -19.22 18.20
CA ASN B 235 -10.88 -20.17 17.90
C ASN B 235 -12.22 -19.81 18.54
N VAL B 236 -12.34 -18.61 19.09
CA VAL B 236 -13.60 -18.21 19.71
C VAL B 236 -14.61 -17.74 18.67
N VAL B 237 -14.17 -16.90 17.75
CA VAL B 237 -15.07 -16.37 16.71
C VAL B 237 -15.15 -17.40 15.57
N PRO B 238 -16.35 -17.80 15.16
CA PRO B 238 -16.46 -18.77 14.06
C PRO B 238 -16.08 -18.13 12.73
N LEU B 239 -15.40 -18.91 11.89
CA LEU B 239 -14.95 -18.47 10.58
C LEU B 239 -15.36 -19.49 9.54
N SER B 240 -15.94 -19.03 8.44
CA SER B 240 -16.40 -19.92 7.39
C SER B 240 -15.21 -20.55 6.66
N ASP B 241 -15.50 -21.59 5.89
CA ASP B 241 -14.44 -22.32 5.19
C ASP B 241 -13.81 -21.47 4.09
N LEU B 242 -14.62 -20.65 3.41
CA LEU B 242 -14.06 -19.76 2.39
C LEU B 242 -13.22 -18.66 3.04
N LEU B 243 -13.66 -18.14 4.17
CA LEU B 243 -12.89 -17.12 4.88
C LEU B 243 -11.59 -17.70 5.42
N LEU B 244 -11.58 -18.97 5.81
CA LEU B 244 -10.35 -19.61 6.26
C LEU B 244 -9.40 -19.89 5.09
N GLU B 245 -9.95 -20.19 3.91
CA GLU B 245 -9.09 -20.37 2.73
C GLU B 245 -8.41 -19.06 2.35
N MET B 246 -9.14 -17.93 2.44
CA MET B 246 -8.54 -16.65 2.13
C MET B 246 -7.45 -16.29 3.12
N LEU B 247 -7.60 -16.72 4.38
CA LEU B 247 -6.60 -16.42 5.39
C LEU B 247 -5.34 -17.26 5.19
N ASP B 248 -5.50 -18.52 4.78
CA ASP B 248 -4.34 -19.36 4.49
C ASP B 248 -3.62 -18.95 3.21
N ALA B 249 -4.23 -18.09 2.39
CA ALA B 249 -3.57 -17.61 1.18
C ALA B 249 -2.52 -16.54 1.47
N HIS B 250 -2.71 -15.75 2.54
CA HIS B 250 -1.76 -14.71 2.86
C HIS B 250 -0.61 -15.23 3.71
N ARG B 251 -0.90 -16.05 4.71
CA ARG B 251 0.17 -16.63 5.53
C ARG B 251 1.04 -17.59 4.73
N LEU B 252 0.48 -18.20 3.69
CA LEU B 252 1.23 -19.14 2.86
C LEU B 252 1.23 -18.70 1.39
N LYS C 1 7.94 11.25 25.94
CA LYS C 1 8.74 10.04 26.09
C LYS C 1 10.14 10.25 25.53
N HIS C 2 11.09 9.46 26.01
CA HIS C 2 12.47 9.51 25.54
C HIS C 2 12.61 8.62 24.31
N LYS C 3 12.91 9.22 23.16
CA LYS C 3 13.13 8.50 21.93
C LYS C 3 14.44 8.94 21.30
N ILE C 4 15.21 7.97 20.80
CA ILE C 4 16.43 8.29 20.05
C ILE C 4 16.07 9.06 18.79
N LEU C 5 14.90 8.81 18.22
CA LEU C 5 14.47 9.55 17.05
C LEU C 5 14.31 11.05 17.34
N HIS C 6 13.89 11.40 18.55
CA HIS C 6 13.77 12.80 18.92
C HIS C 6 15.13 13.50 18.86
N ARG C 7 16.15 12.85 19.42
CA ARG C 7 17.48 13.44 19.43
C ARG C 7 18.06 13.58 18.03
N LEU C 8 17.83 12.57 17.18
CA LEU C 8 18.39 12.61 15.83
C LEU C 8 17.69 13.64 14.96
N LEU C 9 16.42 13.93 15.25
CA LEU C 9 15.72 14.97 14.50
C LEU C 9 16.12 16.38 14.95
N GLN C 10 16.44 16.54 16.23
CA GLN C 10 16.85 17.85 16.76
C GLN C 10 18.33 18.15 16.51
N ASP C 11 19.10 17.19 16.04
CA ASP C 11 20.53 17.41 15.79
C ASP C 11 20.86 17.15 14.32
N LYS D 3 -10.05 -25.86 -3.33
CA LYS D 3 -10.14 -24.42 -3.17
C LYS D 3 -11.56 -23.93 -3.47
N ILE D 4 -12.23 -23.39 -2.44
CA ILE D 4 -13.59 -22.90 -2.62
C ILE D 4 -13.62 -21.74 -3.61
N LEU D 5 -12.64 -20.83 -3.50
CA LEU D 5 -12.58 -19.70 -4.42
C LEU D 5 -12.37 -20.16 -5.85
N HIS D 6 -11.69 -21.30 -6.03
CA HIS D 6 -11.44 -21.82 -7.38
C HIS D 6 -12.75 -22.14 -8.09
N ARG D 7 -13.63 -22.90 -7.44
CA ARG D 7 -14.85 -23.36 -8.10
C ARG D 7 -15.91 -22.28 -8.17
N LEU D 8 -15.95 -21.37 -7.19
CA LEU D 8 -16.94 -20.28 -7.24
C LEU D 8 -16.68 -19.38 -8.43
N LEU D 9 -15.41 -19.07 -8.71
CA LEU D 9 -15.06 -18.39 -9.95
C LEU D 9 -15.34 -19.24 -11.18
N GLN D 10 -15.44 -20.56 -10.99
CA GLN D 10 -15.55 -21.50 -12.09
C GLN D 10 -16.99 -21.85 -12.45
N ASP D 11 -17.94 -21.57 -11.57
CA ASP D 11 -19.34 -21.91 -11.84
C ASP D 11 -19.86 -21.14 -13.04
N SER D 12 -20.60 -21.84 -13.89
CA SER D 12 -21.17 -21.24 -15.09
C SER D 12 -22.63 -21.63 -15.27
C01 7FS E . 19.19 -1.81 4.60
C02 7FS E . 18.73 -1.37 3.46
C03 7FS E . 17.64 -1.92 2.99
C04 7FS E . 17.01 -2.86 3.66
C05 7FS E . 17.46 -3.30 4.82
C06 7FS E . 18.57 -2.76 5.26
C07 7FS E . 15.78 -3.43 3.06
C08 7FS E . 15.63 -4.91 3.37
C09 7FS E . 15.49 -4.94 4.87
C10 7FS E . 16.74 -4.41 5.55
C11 7FS E . 15.39 -6.33 5.41
C12 7FS E . 14.72 -6.23 6.78
C13 7FS E . 15.55 -5.32 7.70
C14 7FS E . 16.38 -4.20 7.03
C15 7FS E . 14.66 -7.40 4.63
C16 7FS E . 14.14 -8.29 5.76
C17 7FS E . 14.71 -7.72 7.06
O01 7FS E . 19.34 -0.40 2.78
N01 7FS E . 13.89 -8.09 8.18
C18 7FS E . 13.27 -5.76 6.76
C01 7FS F . -17.49 -6.60 6.21
C02 7FS F . -17.17 -5.47 5.68
C03 7FS F . -16.05 -4.93 6.03
C04 7FS F . -15.27 -5.50 6.90
C05 7FS F . -15.57 -6.65 7.43
C06 7FS F . -16.72 -7.17 7.07
C07 7FS F . -14.01 -4.79 7.24
C08 7FS F . -13.44 -5.16 8.58
C09 7FS F . -13.29 -6.66 8.56
C10 7FS F . -14.67 -7.29 8.46
C11 7FS F . -12.73 -7.08 9.86
C12 7FS F . -12.41 -8.56 9.75
C13 7FS F . -13.77 -9.26 9.78
C14 7FS F . -14.57 -8.83 8.56
C15 7FS F . -11.51 -6.33 10.35
C16 7FS F . -10.52 -7.46 10.47
C17 7FS F . -11.47 -8.56 10.93
O01 7FS F . -17.90 -4.86 4.79
N01 7FS F . -10.75 -9.80 11.12
C18 7FS F . -11.73 -9.09 8.49
#